data_7JHN
#
_entry.id   7JHN
#
_cell.length_a   82.916
_cell.length_b   76.865
_cell.length_c   66.786
_cell.angle_alpha   90.000
_cell.angle_beta   105.820
_cell.angle_gamma   90.000
#
_symmetry.space_group_name_H-M   'C 1 2 1'
#
loop_
_entity.id
_entity.type
_entity.pdbx_description
1 polymer 'N-acetyllactosaminide beta-1,3-N-acetylglucosaminyltransferase 2'
2 branched alpha-D-mannopyranose-(1-3)-[alpha-D-mannopyranose-(1-6)]beta-D-mannopyranose-(1-4)-2-acetamido-2-deoxy-beta-D-glucopyranose-(1-4)-2-acetamido-2-deoxy-beta-D-glucopyranose
3 branched 2-acetamido-2-deoxy-beta-D-glucopyranose-(1-3)-beta-D-galactopyranose-(1-4)-2-acetamido-2-deoxy-beta-D-glucopyranose
4 non-polymer 2-acetamido-2-deoxy-beta-D-glucopyranose
5 non-polymer 'MAGNESIUM ION'
6 non-polymer "URIDINE-5'-DIPHOSPHATE"
7 non-polymer 'CHLORIDE ION'
8 water water
#
_entity_poly.entity_id   1
_entity_poly.type   'polypeptide(L)'
_entity_poly.pdbx_seq_one_letter_code
;MHHHHHHHHENLYFQGSKEKFWKISTPPEAYWNREQEKLNRQYNPILSMLTNQTGEAGRLSNISHLNYCEPDLRVTSVVT
GFNNLPDRFKDFLLYLRCRNYSLLIDQPDKCAKKPFLLLAIKSLTPHFARRQAIRESWGQESNAGNQTVVRVFLLGQTPP
EDNHPDLSDMLKFESEKHQDILMWNYRDTFFNLSLKEVLFLRWVSTSCPDTEFVFKGDDDVFVNTHHILNYLNSLSKTKA
KDLFIGDVIHNAGPHRDKKLKYYIPEVVYSGLYPPYAGGGGFLYSGHLALRLYHITDQVHLYPIDDVYTGMCLQKLGLVP
EKHKGFRTFDIEEKNKNNICSYVDLMLVHSRKPQEMIDIWSQLQSAHLKC
;
_entity_poly.pdbx_strand_id   A
#
# COMPACT_ATOMS: atom_id res chain seq x y z
N PRO A 28 -9.26 13.26 -22.43
CA PRO A 28 -9.14 12.42 -23.62
C PRO A 28 -10.39 11.61 -23.91
N GLU A 29 -10.22 10.32 -24.19
CA GLU A 29 -11.33 9.40 -24.37
C GLU A 29 -11.38 8.30 -23.32
N ALA A 30 -10.24 7.92 -22.75
CA ALA A 30 -10.25 6.98 -21.62
C ALA A 30 -10.98 7.61 -20.44
N TYR A 31 -11.81 6.82 -19.77
CA TYR A 31 -12.70 7.35 -18.75
C TYR A 31 -11.93 7.98 -17.60
N TRP A 32 -10.99 7.22 -17.01
CA TRP A 32 -10.24 7.75 -15.88
C TRP A 32 -9.47 9.00 -16.26
N ASN A 33 -8.80 8.98 -17.42
CA ASN A 33 -8.12 10.17 -17.91
C ASN A 33 -9.10 11.33 -18.06
N ARG A 34 -10.32 11.04 -18.48
CA ARG A 34 -11.32 12.09 -18.64
C ARG A 34 -11.72 12.68 -17.29
N GLU A 35 -12.17 11.82 -16.36
CA GLU A 35 -12.60 12.31 -15.05
C GLU A 35 -11.45 12.92 -14.25
N GLN A 36 -10.20 12.55 -14.54
CA GLN A 36 -9.07 13.11 -13.82
C GLN A 36 -8.81 14.55 -14.25
N GLU A 37 -8.95 14.84 -15.54
CA GLU A 37 -8.81 16.23 -16.00
C GLU A 37 -9.90 17.12 -15.41
N LYS A 38 -11.11 16.59 -15.24
CA LYS A 38 -12.16 17.34 -14.56
C LYS A 38 -11.74 17.70 -13.14
N LEU A 39 -11.09 16.77 -12.45
CA LEU A 39 -10.51 17.09 -11.14
C LEU A 39 -9.45 18.18 -11.29
N ASN A 40 -8.62 18.10 -12.33
CA ASN A 40 -7.52 19.06 -12.48
C ASN A 40 -8.05 20.47 -12.64
N ARG A 41 -9.11 20.65 -13.42
CA ARG A 41 -9.68 21.98 -13.59
C ARG A 41 -10.34 22.46 -12.31
N GLN A 42 -10.88 21.55 -11.50
CA GLN A 42 -11.46 21.93 -10.22
C GLN A 42 -10.42 22.47 -9.26
N TYR A 43 -9.19 21.95 -9.33
CA TYR A 43 -8.13 22.32 -8.40
C TYR A 43 -7.08 23.26 -8.97
N ASN A 44 -7.18 23.60 -10.26
CA ASN A 44 -6.16 24.44 -10.92
C ASN A 44 -6.83 25.57 -11.67
N PRO A 45 -6.79 26.80 -11.12
CA PRO A 45 -7.42 27.93 -11.82
C PRO A 45 -6.87 28.23 -13.20
N ILE A 46 -5.60 27.92 -13.47
CA ILE A 46 -5.02 28.24 -14.77
C ILE A 46 -5.71 27.52 -15.91
N LEU A 47 -6.41 26.42 -15.62
CA LEU A 47 -7.12 25.67 -16.65
C LEU A 47 -8.49 26.23 -16.96
N SER A 48 -8.92 27.26 -16.24
CA SER A 48 -10.19 27.93 -16.54
C SER A 48 -10.12 28.58 -17.92
N ILE A 63 -21.93 16.78 -8.37
CA ILE A 63 -21.81 15.79 -7.31
C ILE A 63 -20.37 15.70 -6.82
N SER A 64 -20.19 15.28 -5.57
CA SER A 64 -18.86 15.14 -5.01
C SER A 64 -18.12 13.98 -5.67
N HIS A 65 -16.79 14.04 -5.61
CA HIS A 65 -15.93 12.94 -6.04
C HIS A 65 -15.26 12.24 -4.86
N LEU A 66 -15.68 12.53 -3.64
CA LEU A 66 -15.11 11.95 -2.44
C LEU A 66 -16.17 11.39 -1.52
N ASN A 67 -17.44 11.80 -1.67
CA ASN A 67 -18.45 11.53 -0.67
C ASN A 67 -19.72 11.00 -1.31
N TYR A 68 -19.73 10.80 -2.62
CA TYR A 68 -20.88 10.28 -3.34
C TYR A 68 -20.82 8.77 -3.31
N CYS A 69 -21.70 8.14 -2.51
CA CYS A 69 -21.62 6.72 -2.27
C CYS A 69 -22.81 5.95 -2.85
N GLU A 70 -23.57 6.57 -3.73
CA GLU A 70 -24.57 5.87 -4.52
C GLU A 70 -23.97 5.50 -5.87
N PRO A 71 -24.49 4.46 -6.53
CA PRO A 71 -23.94 4.08 -7.84
C PRO A 71 -24.07 5.19 -8.86
N ASP A 72 -22.93 5.61 -9.39
CA ASP A 72 -22.87 6.63 -10.45
C ASP A 72 -23.26 5.96 -11.76
N LEU A 73 -24.57 5.91 -12.02
CA LEU A 73 -25.10 5.16 -13.15
C LEU A 73 -24.73 5.77 -14.49
N ARG A 74 -24.26 7.01 -14.50
CA ARG A 74 -23.93 7.66 -15.76
C ARG A 74 -22.77 6.96 -16.46
N VAL A 75 -21.97 6.23 -15.70
CA VAL A 75 -20.84 5.49 -16.29
C VAL A 75 -21.34 4.45 -17.28
N THR A 76 -22.55 3.92 -17.09
CA THR A 76 -23.04 2.85 -17.94
C THR A 76 -23.31 3.30 -19.37
N SER A 77 -23.56 4.59 -19.58
CA SER A 77 -23.80 5.13 -20.91
C SER A 77 -22.60 5.89 -21.45
N VAL A 78 -21.56 6.02 -20.65
CA VAL A 78 -20.40 6.82 -21.02
C VAL A 78 -19.21 5.96 -21.37
N VAL A 79 -18.94 4.93 -20.56
CA VAL A 79 -17.82 4.02 -20.81
C VAL A 79 -18.25 3.04 -21.89
N THR A 80 -17.50 3.00 -22.99
CA THR A 80 -17.85 2.16 -24.12
C THR A 80 -17.78 0.68 -23.73
N GLY A 81 -18.87 -0.04 -23.96
CA GLY A 81 -18.93 -1.45 -23.63
C GLY A 81 -18.90 -1.73 -22.15
N PHE A 82 -19.69 -0.99 -21.36
CA PHE A 82 -19.65 -1.14 -19.92
C PHE A 82 -20.17 -2.50 -19.48
N ASN A 83 -21.22 -3.00 -20.14
CA ASN A 83 -21.85 -4.24 -19.71
C ASN A 83 -20.98 -5.46 -19.99
N ASN A 84 -19.98 -5.34 -20.87
CA ASN A 84 -19.08 -6.44 -21.20
C ASN A 84 -17.76 -6.37 -20.43
N LEU A 85 -17.72 -5.61 -19.33
CA LEU A 85 -16.52 -5.49 -18.52
C LEU A 85 -16.56 -6.47 -17.36
N PRO A 86 -15.39 -6.90 -16.89
CA PRO A 86 -15.35 -7.73 -15.67
C PRO A 86 -15.95 -6.98 -14.48
N ASP A 87 -16.53 -7.75 -13.55
CA ASP A 87 -17.29 -7.17 -12.45
C ASP A 87 -16.47 -6.20 -11.62
N ARG A 88 -15.16 -6.47 -11.46
CA ARG A 88 -14.34 -5.57 -10.67
C ARG A 88 -14.28 -4.18 -11.30
N PHE A 89 -14.27 -4.12 -12.63
CA PHE A 89 -14.29 -2.81 -13.30
C PHE A 89 -15.62 -2.11 -13.10
N LYS A 90 -16.73 -2.85 -13.20
CA LYS A 90 -18.03 -2.23 -13.04
C LYS A 90 -18.24 -1.73 -11.62
N ASP A 91 -17.79 -2.50 -10.62
CA ASP A 91 -17.83 -2.00 -9.25
C ASP A 91 -16.90 -0.82 -9.04
N PHE A 92 -15.72 -0.85 -9.67
CA PHE A 92 -14.78 0.25 -9.51
C PHE A 92 -15.31 1.54 -10.11
N LEU A 93 -15.97 1.45 -11.27
CA LEU A 93 -16.45 2.65 -11.94
C LEU A 93 -17.67 3.23 -11.24
N LEU A 94 -18.56 2.36 -10.74
CA LEU A 94 -19.79 2.84 -10.11
C LEU A 94 -19.49 3.65 -8.85
N TYR A 95 -18.59 3.17 -8.01
CA TYR A 95 -18.34 3.75 -6.70
C TYR A 95 -16.98 4.44 -6.63
N LEU A 96 -16.49 4.92 -7.77
CA LEU A 96 -15.22 5.64 -7.83
C LEU A 96 -15.21 6.88 -6.95
N ARG A 97 -16.37 7.44 -6.63
CA ARG A 97 -16.46 8.73 -5.95
C ARG A 97 -16.79 8.60 -4.47
N CYS A 98 -16.71 7.39 -3.90
CA CYS A 98 -17.00 7.15 -2.49
C CYS A 98 -15.71 6.69 -1.81
N ARG A 99 -15.18 7.51 -0.90
CA ARG A 99 -14.00 7.14 -0.13
C ARG A 99 -14.13 7.48 1.35
N ASN A 100 -15.33 7.84 1.82
CA ASN A 100 -15.57 8.17 3.23
C ASN A 100 -15.98 6.92 4.01
N TYR A 101 -15.04 6.01 4.16
CA TYR A 101 -15.29 4.83 4.97
C TYR A 101 -14.69 5.01 6.34
N SER A 102 -15.29 4.34 7.33
CA SER A 102 -14.96 4.54 8.72
C SER A 102 -14.26 3.31 9.30
N LEU A 103 -13.45 3.54 10.32
CA LEU A 103 -12.75 2.45 10.98
C LEU A 103 -13.71 1.65 11.83
N LEU A 104 -13.67 0.33 11.67
CA LEU A 104 -14.39 -0.60 12.56
C LEU A 104 -13.51 -1.13 13.68
N ILE A 105 -12.21 -1.24 13.44
CA ILE A 105 -11.25 -1.70 14.44
C ILE A 105 -10.07 -0.74 14.41
N ASP A 106 -9.89 0.04 15.47
CA ASP A 106 -8.80 1.00 15.56
C ASP A 106 -7.89 0.64 16.73
N GLN A 107 -6.68 1.19 16.68
CA GLN A 107 -5.73 1.14 17.80
C GLN A 107 -5.25 2.57 17.99
N PRO A 108 -6.08 3.43 18.58
CA PRO A 108 -5.78 4.88 18.57
C PRO A 108 -4.50 5.24 19.28
N ASP A 109 -4.12 4.51 20.32
CA ASP A 109 -2.90 4.78 21.07
C ASP A 109 -1.72 3.96 20.56
N LYS A 110 -1.70 3.65 19.27
CA LYS A 110 -0.59 2.90 18.68
C LYS A 110 0.69 3.75 18.65
N CYS A 111 0.55 5.04 18.42
CA CYS A 111 1.69 5.94 18.32
C CYS A 111 1.80 6.88 19.52
N ALA A 112 1.24 6.48 20.66
CA ALA A 112 1.40 7.19 21.92
C ALA A 112 2.88 7.51 22.14
N LYS A 113 3.68 6.47 22.36
CA LYS A 113 5.11 6.61 22.19
C LYS A 113 5.39 6.98 20.73
N LYS A 114 6.14 8.05 20.54
CA LYS A 114 6.36 8.59 19.21
C LYS A 114 7.24 7.66 18.39
N PRO A 115 6.77 7.09 17.29
CA PRO A 115 7.53 6.06 16.59
C PRO A 115 8.59 6.64 15.68
N PHE A 116 9.71 5.92 15.58
CA PHE A 116 10.70 6.23 14.55
C PHE A 116 10.32 5.61 13.22
N LEU A 117 9.82 4.39 13.24
CA LEU A 117 9.38 3.70 12.03
C LEU A 117 8.02 3.06 12.27
N LEU A 118 7.07 3.37 11.40
CA LEU A 118 5.75 2.74 11.41
C LEU A 118 5.68 1.73 10.28
N LEU A 119 5.43 0.47 10.62
CA LEU A 119 5.28 -0.60 9.64
C LEU A 119 3.79 -0.84 9.43
N ALA A 120 3.29 -0.52 8.25
CA ALA A 120 1.90 -0.73 7.89
C ALA A 120 1.85 -1.79 6.79
N ILE A 121 1.16 -2.88 7.06
CA ILE A 121 1.20 -4.06 6.21
C ILE A 121 -0.20 -4.33 5.67
N LYS A 122 -0.31 -4.40 4.34
CA LYS A 122 -1.58 -4.72 3.72
C LYS A 122 -1.88 -6.20 3.88
N SER A 123 -3.10 -6.51 4.32
CA SER A 123 -3.46 -7.90 4.62
C SER A 123 -4.95 -8.11 4.34
N LEU A 124 -5.31 -9.38 4.22
CA LEU A 124 -6.70 -9.81 4.10
C LEU A 124 -7.06 -10.62 5.34
N THR A 125 -8.34 -10.57 5.72
CA THR A 125 -8.84 -11.30 6.89
C THR A 125 -8.31 -12.73 7.02
N PRO A 126 -8.35 -13.59 6.00
CA PRO A 126 -7.97 -15.00 6.22
C PRO A 126 -6.47 -15.23 6.40
N HIS A 127 -5.62 -14.21 6.23
CA HIS A 127 -4.17 -14.40 6.27
C HIS A 127 -3.64 -14.42 7.70
N PHE A 128 -4.19 -15.33 8.50
CA PHE A 128 -3.79 -15.40 9.92
C PHE A 128 -2.33 -15.80 10.05
N ALA A 129 -1.89 -16.80 9.29
CA ALA A 129 -0.52 -17.28 9.40
C ALA A 129 0.48 -16.22 8.95
N ARG A 130 0.17 -15.51 7.88
CA ARG A 130 1.08 -14.48 7.39
C ARG A 130 1.27 -13.36 8.41
N ARG A 131 0.16 -12.86 8.97
CA ARG A 131 0.25 -11.81 9.96
C ARG A 131 1.05 -12.28 11.18
N GLN A 132 0.75 -13.49 11.66
CA GLN A 132 1.43 -13.98 12.86
C GLN A 132 2.92 -14.21 12.62
N ALA A 133 3.29 -14.70 11.43
CA ALA A 133 4.70 -14.87 11.12
C ALA A 133 5.41 -13.52 11.00
N ILE A 134 4.71 -12.50 10.53
CA ILE A 134 5.30 -11.16 10.48
C ILE A 134 5.53 -10.63 11.89
N ARG A 135 4.56 -10.84 12.79
CA ARG A 135 4.73 -10.42 14.18
C ARG A 135 5.97 -11.06 14.80
N GLU A 136 6.19 -12.35 14.53
CA GLU A 136 7.27 -13.09 15.16
C GLU A 136 8.63 -12.83 14.52
N SER A 137 8.69 -12.21 13.35
CA SER A 137 9.95 -12.01 12.68
C SER A 137 10.26 -10.53 12.48
N TRP A 138 10.17 -10.05 11.24
CA TRP A 138 10.65 -8.71 10.92
C TRP A 138 9.68 -7.61 11.32
N GLY A 139 8.48 -7.95 11.76
CA GLY A 139 7.48 -6.96 12.13
C GLY A 139 7.26 -6.77 13.62
N GLN A 140 8.12 -7.32 14.47
CA GLN A 140 7.90 -7.21 15.90
C GLN A 140 8.19 -5.79 16.37
N GLU A 141 7.41 -5.33 17.34
CA GLU A 141 7.60 -4.00 17.90
C GLU A 141 8.82 -3.98 18.81
N SER A 142 9.53 -2.85 18.82
CA SER A 142 10.78 -2.75 19.55
C SER A 142 11.04 -1.28 19.88
N ASN A 143 12.21 -1.02 20.48
CA ASN A 143 12.59 0.32 20.90
C ASN A 143 14.04 0.61 20.54
N ALA A 144 14.94 -0.32 20.86
CA ALA A 144 16.37 -0.19 20.59
C ALA A 144 16.92 1.19 20.98
N GLN A 147 14.49 4.65 19.32
CA GLN A 147 13.92 4.44 17.99
C GLN A 147 12.79 3.42 18.03
N THR A 148 11.60 3.89 18.39
CA THR A 148 10.46 3.01 18.55
C THR A 148 9.92 2.57 17.19
N VAL A 149 9.59 1.27 17.09
CA VAL A 149 9.01 0.68 15.88
C VAL A 149 7.62 0.17 16.21
N VAL A 150 6.63 0.57 15.41
CA VAL A 150 5.25 0.13 15.62
C VAL A 150 4.73 -0.56 14.37
N ARG A 151 3.74 -1.43 14.56
CA ARG A 151 3.22 -2.31 13.52
C ARG A 151 1.71 -2.26 13.50
N VAL A 152 1.14 -2.08 12.30
CA VAL A 152 -0.30 -2.20 12.08
C VAL A 152 -0.52 -2.98 10.79
N PHE A 153 -1.60 -3.75 10.76
CA PHE A 153 -2.05 -4.45 9.57
C PHE A 153 -3.30 -3.75 9.03
N LEU A 154 -3.33 -3.50 7.73
CA LEU A 154 -4.42 -2.79 7.09
C LEU A 154 -5.41 -3.79 6.50
N LEU A 155 -6.66 -3.72 6.94
CA LEU A 155 -7.69 -4.63 6.50
C LEU A 155 -8.95 -3.88 6.10
N GLY A 156 -9.63 -4.41 5.09
CA GLY A 156 -11.01 -4.09 4.83
C GLY A 156 -11.93 -5.21 5.29
N GLN A 157 -13.12 -5.26 4.73
CA GLN A 157 -14.10 -6.28 5.06
C GLN A 157 -14.09 -7.38 4.02
N THR A 158 -14.29 -8.62 4.49
CA THR A 158 -14.50 -9.79 3.64
C THR A 158 -15.91 -10.27 3.91
N PRO A 159 -16.92 -9.59 3.37
CA PRO A 159 -18.30 -9.77 3.85
C PRO A 159 -18.88 -11.10 3.41
N PRO A 160 -19.83 -11.63 4.18
CA PRO A 160 -20.46 -12.91 3.80
C PRO A 160 -21.24 -12.83 2.49
N GLU A 161 -21.67 -11.64 2.07
CA GLU A 161 -22.41 -11.53 0.81
C GLU A 161 -21.51 -11.69 -0.41
N ASP A 162 -20.18 -11.68 -0.24
CA ASP A 162 -19.25 -12.08 -1.29
C ASP A 162 -18.81 -13.52 -1.15
N ASN A 163 -19.57 -14.32 -0.39
CA ASN A 163 -19.27 -15.73 -0.17
C ASN A 163 -17.96 -15.95 0.59
N HIS A 164 -17.50 -14.94 1.32
CA HIS A 164 -16.37 -15.16 2.21
C HIS A 164 -16.83 -15.95 3.44
N PRO A 165 -16.01 -16.88 3.93
CA PRO A 165 -16.37 -17.56 5.18
C PRO A 165 -16.35 -16.56 6.34
N ASP A 166 -17.29 -16.75 7.26
CA ASP A 166 -17.35 -15.88 8.44
C ASP A 166 -16.16 -16.21 9.34
N LEU A 167 -15.13 -15.37 9.26
CA LEU A 167 -13.98 -15.44 10.17
C LEU A 167 -13.95 -14.27 11.15
N SER A 168 -15.12 -13.66 11.38
CA SER A 168 -15.15 -12.40 12.13
C SER A 168 -14.75 -12.60 13.59
N ASP A 169 -15.25 -13.66 14.24
CA ASP A 169 -14.96 -13.86 15.65
C ASP A 169 -13.53 -14.33 15.88
N MET A 170 -12.87 -14.91 14.87
CA MET A 170 -11.44 -15.17 14.97
C MET A 170 -10.63 -13.91 14.74
N LEU A 171 -11.18 -12.92 14.02
CA LEU A 171 -10.49 -11.66 13.81
C LEU A 171 -10.59 -10.77 15.05
N LYS A 172 -11.72 -10.81 15.74
CA LYS A 172 -11.83 -10.11 17.03
C LYS A 172 -10.88 -10.72 18.05
N PHE A 173 -10.86 -12.05 18.13
CA PHE A 173 -9.88 -12.75 18.96
C PHE A 173 -8.46 -12.31 18.63
N GLU A 174 -8.12 -12.28 17.35
CA GLU A 174 -6.78 -11.86 16.93
C GLU A 174 -6.54 -10.40 17.28
N SER A 175 -7.55 -9.55 17.11
CA SER A 175 -7.38 -8.12 17.40
C SER A 175 -7.20 -7.89 18.90
N GLU A 176 -8.04 -8.50 19.72
CA GLU A 176 -7.97 -8.30 21.16
C GLU A 176 -6.65 -8.77 21.76
N LYS A 177 -5.95 -9.69 21.09
CA LYS A 177 -4.72 -10.25 21.65
C LYS A 177 -3.47 -9.53 21.18
N HIS A 178 -3.44 -9.02 19.95
CA HIS A 178 -2.24 -8.40 19.41
C HIS A 178 -2.37 -6.90 19.19
N GLN A 179 -3.59 -6.35 19.23
CA GLN A 179 -3.82 -4.91 19.15
C GLN A 179 -3.02 -4.24 18.02
N ASP A 180 -3.00 -4.89 16.86
CA ASP A 180 -2.29 -4.35 15.70
C ASP A 180 -3.13 -4.43 14.43
N ILE A 181 -4.45 -4.49 14.55
CA ILE A 181 -5.35 -4.60 13.41
C ILE A 181 -6.08 -3.27 13.23
N LEU A 182 -5.97 -2.69 12.04
CA LEU A 182 -6.80 -1.58 11.62
C LEU A 182 -7.72 -2.11 10.52
N MET A 183 -9.02 -1.95 10.70
N MET A 183 -9.03 -1.95 10.71
CA MET A 183 -10.01 -2.48 9.76
CA MET A 183 -10.02 -2.47 9.77
C MET A 183 -11.06 -1.42 9.45
C MET A 183 -11.04 -1.39 9.46
N TRP A 184 -11.27 -1.16 8.17
CA TRP A 184 -12.28 -0.23 7.69
C TRP A 184 -13.48 -1.00 7.13
N ASN A 185 -14.59 -0.29 6.99
CA ASN A 185 -15.84 -0.91 6.54
C ASN A 185 -16.04 -0.70 5.04
N TYR A 186 -15.05 -1.13 4.27
CA TYR A 186 -15.16 -1.18 2.83
C TYR A 186 -14.82 -2.59 2.36
N ARG A 187 -15.26 -2.91 1.15
CA ARG A 187 -15.06 -4.25 0.60
C ARG A 187 -13.60 -4.43 0.22
N ASP A 188 -12.88 -5.29 0.94
CA ASP A 188 -11.46 -5.49 0.71
C ASP A 188 -11.28 -6.31 -0.57
N THR A 189 -10.87 -5.64 -1.64
CA THR A 189 -10.64 -6.29 -2.93
C THR A 189 -9.38 -5.71 -3.56
N PHE A 190 -8.92 -6.38 -4.62
CA PHE A 190 -7.69 -5.95 -5.30
C PHE A 190 -7.83 -4.54 -5.85
N PHE A 191 -8.90 -4.29 -6.61
CA PHE A 191 -9.10 -2.97 -7.20
C PHE A 191 -9.44 -1.90 -6.18
N ASN A 192 -9.76 -2.28 -4.94
CA ASN A 192 -10.01 -1.33 -3.86
C ASN A 192 -8.77 -1.04 -3.03
N LEU A 193 -7.59 -1.44 -3.49
CA LEU A 193 -6.38 -1.27 -2.69
C LEU A 193 -5.94 0.19 -2.60
N SER A 194 -6.15 0.99 -3.65
CA SER A 194 -5.89 2.41 -3.54
C SER A 194 -6.81 3.07 -2.52
N LEU A 195 -7.98 2.48 -2.26
CA LEU A 195 -8.80 2.91 -1.14
C LEU A 195 -8.13 2.56 0.18
N LYS A 196 -7.53 1.36 0.27
CA LYS A 196 -6.75 1.00 1.46
C LYS A 196 -5.61 1.97 1.68
N GLU A 197 -5.06 2.53 0.60
CA GLU A 197 -3.96 3.49 0.73
C GLU A 197 -4.46 4.83 1.28
N VAL A 198 -5.56 5.33 0.73
CA VAL A 198 -6.08 6.63 1.15
C VAL A 198 -6.56 6.57 2.59
N LEU A 199 -7.33 5.52 2.93
CA LEU A 199 -7.83 5.38 4.29
C LEU A 199 -6.69 5.22 5.29
N PHE A 200 -5.59 4.60 4.88
CA PHE A 200 -4.44 4.50 5.76
C PHE A 200 -3.77 5.86 5.96
N LEU A 201 -3.48 6.56 4.86
CA LEU A 201 -2.89 7.90 4.95
C LEU A 201 -3.74 8.83 5.79
N ARG A 202 -5.06 8.65 5.79
CA ARG A 202 -5.92 9.42 6.68
C ARG A 202 -5.64 9.07 8.13
N TRP A 203 -5.53 7.76 8.43
CA TRP A 203 -5.29 7.33 9.80
C TRP A 203 -3.94 7.81 10.32
N VAL A 204 -2.95 7.92 9.43
CA VAL A 204 -1.66 8.47 9.84
C VAL A 204 -1.83 9.93 10.28
N SER A 205 -2.51 10.73 9.47
CA SER A 205 -2.65 12.15 9.76
C SER A 205 -3.44 12.40 11.04
N THR A 206 -4.34 11.48 11.41
CA THR A 206 -5.19 11.68 12.57
C THR A 206 -4.71 10.92 13.80
N SER A 207 -4.01 9.81 13.63
CA SER A 207 -3.64 8.96 14.75
C SER A 207 -2.14 8.67 14.84
N CYS A 208 -1.33 9.14 13.88
CA CYS A 208 0.11 8.92 13.94
C CYS A 208 0.85 9.95 13.09
N PRO A 209 0.60 11.24 13.26
CA PRO A 209 1.23 12.24 12.39
C PRO A 209 2.68 12.50 12.71
N ASP A 210 3.16 12.07 13.88
CA ASP A 210 4.51 12.36 14.33
C ASP A 210 5.54 11.39 13.80
N THR A 211 5.14 10.18 13.41
CA THR A 211 6.09 9.12 13.09
C THR A 211 7.10 9.58 12.06
N GLU A 212 8.38 9.36 12.37
CA GLU A 212 9.46 9.82 11.50
C GLU A 212 9.34 9.22 10.12
N PHE A 213 9.12 7.91 10.05
CA PHE A 213 9.14 7.19 8.79
C PHE A 213 8.00 6.18 8.76
N VAL A 214 7.64 5.77 7.55
CA VAL A 214 6.59 4.79 7.32
C VAL A 214 7.11 3.77 6.32
N PHE A 215 6.97 2.50 6.64
CA PHE A 215 7.13 1.42 5.67
C PHE A 215 5.75 0.85 5.37
N LYS A 216 5.37 0.85 4.10
CA LYS A 216 4.12 0.26 3.65
C LYS A 216 4.43 -0.86 2.67
N GLY A 217 4.01 -2.08 3.00
CA GLY A 217 4.30 -3.23 2.17
C GLY A 217 3.24 -4.31 2.21
N ASP A 218 3.52 -5.44 1.57
CA ASP A 218 2.61 -6.57 1.49
C ASP A 218 2.88 -7.55 2.63
N ASP A 219 1.95 -8.49 2.82
CA ASP A 219 2.12 -9.48 3.87
C ASP A 219 2.77 -10.78 3.37
N ASP A 220 3.31 -10.78 2.14
CA ASP A 220 4.03 -11.93 1.61
C ASP A 220 5.44 -11.56 1.19
N VAL A 221 6.02 -10.55 1.84
CA VAL A 221 7.41 -10.17 1.59
C VAL A 221 8.20 -10.35 2.89
N PHE A 222 9.49 -10.59 2.75
CA PHE A 222 10.43 -10.52 3.86
C PHE A 222 11.09 -9.15 3.84
N VAL A 223 11.09 -8.48 4.99
CA VAL A 223 11.67 -7.14 5.13
C VAL A 223 12.82 -7.23 6.11
N ASN A 224 13.96 -6.64 5.76
CA ASN A 224 15.11 -6.61 6.66
C ASN A 224 15.00 -5.35 7.52
N THR A 225 14.19 -5.45 8.57
CA THR A 225 13.91 -4.30 9.42
C THR A 225 15.17 -3.76 10.07
N HIS A 226 16.14 -4.63 10.38
CA HIS A 226 17.40 -4.16 10.94
C HIS A 226 18.16 -3.29 9.94
N HIS A 227 18.33 -3.79 8.71
CA HIS A 227 19.05 -3.01 7.70
C HIS A 227 18.32 -1.72 7.35
N ILE A 228 16.99 -1.71 7.49
CA ILE A 228 16.23 -0.50 7.15
C ILE A 228 16.53 0.61 8.14
N LEU A 229 16.57 0.28 9.44
CA LEU A 229 16.81 1.31 10.45
C LEU A 229 18.25 1.84 10.37
N ASN A 230 19.21 1.00 9.98
CA ASN A 230 20.56 1.50 9.76
C ASN A 230 20.62 2.39 8.53
N TYR A 231 19.83 2.07 7.50
CA TYR A 231 19.72 2.98 6.36
C TYR A 231 19.06 4.29 6.80
N LEU A 232 18.07 4.21 7.68
CA LEU A 232 17.35 5.42 8.09
C LEU A 232 18.26 6.38 8.84
N ASN A 233 19.23 5.87 9.59
CA ASN A 233 20.15 6.71 10.34
C ASN A 233 21.42 7.02 9.55
N SER A 234 21.55 6.50 8.33
CA SER A 234 22.59 6.93 7.41
C SER A 234 22.07 7.98 6.42
N LEU A 235 21.07 8.75 6.83
CA LEU A 235 20.42 9.73 5.98
C LEU A 235 20.56 11.12 6.58
N SER A 236 20.81 12.10 5.72
CA SER A 236 20.81 13.49 6.14
C SER A 236 19.39 14.01 6.24
N LYS A 237 19.19 14.99 7.13
CA LYS A 237 17.87 15.61 7.27
C LYS A 237 17.36 16.15 5.94
N THR A 238 18.27 16.64 5.10
CA THR A 238 17.90 17.07 3.76
C THR A 238 17.15 15.96 3.02
N LYS A 239 17.71 14.75 3.01
CA LYS A 239 17.10 13.65 2.28
C LYS A 239 15.94 13.02 3.05
N ALA A 240 16.00 13.01 4.38
CA ALA A 240 14.92 12.44 5.17
C ALA A 240 13.63 13.26 5.09
N LYS A 241 13.69 14.47 4.52
CA LYS A 241 12.51 15.33 4.46
C LYS A 241 11.42 14.71 3.59
N ASP A 242 11.69 14.57 2.28
CA ASP A 242 10.75 14.00 1.33
C ASP A 242 11.21 12.63 0.85
N LEU A 243 11.71 11.81 1.78
CA LEU A 243 12.19 10.48 1.44
C LEU A 243 11.05 9.62 0.92
N PHE A 244 11.30 8.94 -0.21
CA PHE A 244 10.37 7.93 -0.72
C PHE A 244 11.19 7.03 -1.64
N ILE A 245 11.48 5.81 -1.17
CA ILE A 245 12.32 4.89 -1.92
C ILE A 245 11.62 3.56 -2.09
N GLY A 246 11.92 2.91 -3.22
CA GLY A 246 11.39 1.60 -3.50
C GLY A 246 11.93 1.10 -4.82
N ASP A 247 11.41 -0.04 -5.26
CA ASP A 247 11.76 -0.61 -6.56
C ASP A 247 10.96 0.14 -7.62
N VAL A 248 11.43 1.35 -7.95
CA VAL A 248 10.70 2.24 -8.84
C VAL A 248 10.64 1.65 -10.24
N ILE A 249 9.51 1.85 -10.91
CA ILE A 249 9.29 1.39 -12.27
C ILE A 249 9.00 2.60 -13.15
N HIS A 250 9.78 2.75 -14.22
CA HIS A 250 9.67 3.89 -15.11
C HIS A 250 9.08 3.47 -16.47
N ASN A 251 8.33 4.40 -17.06
CA ASN A 251 7.82 4.26 -18.43
C ASN A 251 7.04 2.97 -18.62
N ALA A 252 6.32 2.54 -17.59
CA ALA A 252 5.42 1.41 -17.71
C ALA A 252 4.05 1.88 -18.18
N GLY A 253 3.30 0.95 -18.76
CA GLY A 253 1.96 1.23 -19.22
C GLY A 253 0.99 0.16 -18.76
N PRO A 254 -0.30 0.38 -19.01
CA PRO A 254 -1.30 -0.60 -18.57
C PRO A 254 -1.22 -1.88 -19.40
N HIS A 255 -1.13 -3.01 -18.70
CA HIS A 255 -1.30 -4.30 -19.36
C HIS A 255 -2.68 -4.34 -20.01
N ARG A 256 -2.71 -4.69 -21.30
CA ARG A 256 -3.96 -4.81 -22.03
C ARG A 256 -4.33 -6.26 -22.30
N ASP A 257 -3.59 -7.21 -21.72
CA ASP A 257 -3.89 -8.63 -21.87
C ASP A 257 -5.12 -8.97 -21.02
N LYS A 258 -6.23 -9.26 -21.68
CA LYS A 258 -7.53 -9.44 -21.05
C LYS A 258 -7.54 -10.49 -19.94
N LYS A 259 -6.49 -11.30 -19.84
CA LYS A 259 -6.46 -12.37 -18.86
C LYS A 259 -5.39 -12.20 -17.77
N LEU A 260 -4.62 -11.12 -17.79
CA LEU A 260 -3.64 -10.94 -16.72
C LEU A 260 -4.25 -10.11 -15.58
N LYS A 261 -3.64 -10.25 -14.40
CA LYS A 261 -4.15 -9.64 -13.17
C LYS A 261 -4.29 -8.12 -13.30
N TYR A 262 -3.26 -7.45 -13.78
CA TYR A 262 -3.27 -5.99 -13.89
C TYR A 262 -3.78 -5.49 -15.24
N TYR A 263 -4.76 -6.19 -15.81
CA TYR A 263 -5.30 -5.80 -17.10
C TYR A 263 -6.18 -4.56 -16.95
N ILE A 264 -5.98 -3.59 -17.83
CA ILE A 264 -6.73 -2.34 -17.83
C ILE A 264 -7.24 -2.12 -19.25
N PRO A 265 -8.55 -2.07 -19.47
CA PRO A 265 -9.07 -1.80 -20.82
C PRO A 265 -8.61 -0.44 -21.30
N GLU A 266 -8.65 -0.25 -22.62
CA GLU A 266 -8.26 1.04 -23.18
C GLU A 266 -9.35 2.07 -23.04
N VAL A 267 -10.60 1.64 -22.77
CA VAL A 267 -11.67 2.58 -22.48
C VAL A 267 -11.53 3.13 -21.06
N VAL A 268 -10.73 2.49 -20.22
CA VAL A 268 -10.58 2.92 -18.84
C VAL A 268 -9.40 3.87 -18.68
N TYR A 269 -8.22 3.50 -19.17
CA TYR A 269 -7.03 4.31 -19.00
C TYR A 269 -6.20 4.31 -20.28
N SER A 270 -5.70 5.49 -20.63
CA SER A 270 -4.85 5.67 -21.80
C SER A 270 -3.58 6.39 -21.38
N GLY A 271 -2.46 5.98 -21.94
CA GLY A 271 -1.17 6.59 -21.64
C GLY A 271 -0.32 5.71 -20.76
N LEU A 272 0.76 6.30 -20.25
CA LEU A 272 1.76 5.59 -19.47
C LEU A 272 1.66 5.97 -18.00
N TYR A 273 1.95 5.01 -17.14
CA TYR A 273 1.96 5.26 -15.71
C TYR A 273 3.09 6.21 -15.35
N PRO A 274 2.92 7.00 -14.29
CA PRO A 274 4.05 7.77 -13.75
C PRO A 274 5.06 6.84 -13.11
N PRO A 275 6.23 7.33 -12.73
CA PRO A 275 7.15 6.49 -11.96
C PRO A 275 6.54 6.10 -10.63
N TYR A 276 6.58 4.81 -10.31
CA TYR A 276 5.98 4.35 -9.08
C TYR A 276 6.79 3.20 -8.48
N ALA A 277 7.01 3.27 -7.18
CA ALA A 277 7.71 2.21 -6.47
C ALA A 277 6.84 0.95 -6.44
N GLY A 278 7.51 -0.20 -6.48
CA GLY A 278 6.82 -1.47 -6.40
C GLY A 278 6.03 -1.62 -5.11
N GLY A 279 4.73 -1.91 -5.25
CA GLY A 279 3.86 -2.01 -4.09
C GLY A 279 4.25 -3.06 -3.07
N GLY A 280 5.16 -3.98 -3.43
CA GLY A 280 5.63 -4.97 -2.48
C GLY A 280 6.12 -4.35 -1.18
N GLY A 281 6.66 -3.14 -1.27
CA GLY A 281 7.04 -2.38 -0.09
C GLY A 281 7.87 -1.17 -0.47
N PHE A 282 7.48 0.01 -0.01
CA PHE A 282 8.28 1.21 -0.18
C PHE A 282 8.39 1.93 1.15
N LEU A 283 9.36 2.84 1.22
CA LEU A 283 9.75 3.50 2.45
C LEU A 283 9.70 5.00 2.27
N TYR A 284 9.04 5.70 3.19
CA TYR A 284 8.92 7.14 3.09
C TYR A 284 8.81 7.76 4.48
N SER A 285 9.02 9.07 4.53
CA SER A 285 9.01 9.80 5.80
C SER A 285 7.59 10.22 6.15
N GLY A 286 7.35 10.38 7.45
CA GLY A 286 6.03 10.83 7.90
C GLY A 286 5.66 12.19 7.35
N HIS A 287 6.65 13.06 7.18
CA HIS A 287 6.40 14.36 6.56
C HIS A 287 5.77 14.19 5.18
N LEU A 288 6.36 13.35 4.34
CA LEU A 288 5.79 13.09 3.02
C LEU A 288 4.45 12.38 3.12
N ALA A 289 4.24 11.58 4.16
CA ALA A 289 2.95 10.92 4.34
C ALA A 289 1.83 11.93 4.50
N LEU A 290 2.07 12.97 5.31
CA LEU A 290 1.06 14.01 5.50
C LEU A 290 0.81 14.77 4.21
N ARG A 291 1.88 15.12 3.48
CA ARG A 291 1.70 15.77 2.19
C ARG A 291 0.96 14.86 1.22
N LEU A 292 1.27 13.57 1.25
CA LEU A 292 0.58 12.63 0.36
C LEU A 292 -0.91 12.57 0.66
N TYR A 293 -1.29 12.53 1.94
CA TYR A 293 -2.70 12.42 2.27
C TYR A 293 -3.49 13.62 1.78
N HIS A 294 -2.94 14.82 1.90
CA HIS A 294 -3.68 16.02 1.53
C HIS A 294 -3.79 16.18 0.02
N ILE A 295 -2.94 15.50 -0.76
CA ILE A 295 -3.06 15.56 -2.21
C ILE A 295 -3.94 14.47 -2.78
N THR A 296 -4.33 13.48 -1.97
CA THR A 296 -5.11 12.35 -2.49
C THR A 296 -6.46 12.78 -3.04
N ASP A 297 -7.03 13.87 -2.52
CA ASP A 297 -8.33 14.33 -3.00
C ASP A 297 -8.25 14.88 -4.42
N GLN A 298 -7.07 15.24 -4.90
CA GLN A 298 -6.89 15.76 -6.24
C GLN A 298 -6.57 14.68 -7.27
N VAL A 299 -6.57 13.41 -6.86
CA VAL A 299 -6.32 12.29 -7.75
C VAL A 299 -7.43 11.28 -7.57
N HIS A 300 -8.13 10.95 -8.65
CA HIS A 300 -9.14 9.90 -8.60
C HIS A 300 -8.49 8.57 -8.26
N LEU A 301 -9.22 7.74 -7.51
CA LEU A 301 -8.76 6.39 -7.21
C LEU A 301 -8.45 5.64 -8.50
N TYR A 302 -7.43 4.79 -8.45
CA TYR A 302 -7.04 3.98 -9.59
C TYR A 302 -6.96 2.52 -9.15
N PRO A 303 -7.36 1.58 -10.00
CA PRO A 303 -7.45 0.17 -9.56
C PRO A 303 -6.13 -0.44 -9.13
N ILE A 304 -4.99 0.15 -9.50
CA ILE A 304 -3.68 -0.37 -9.15
C ILE A 304 -3.08 0.58 -8.13
N ASP A 305 -2.95 0.13 -6.89
CA ASP A 305 -2.74 1.06 -5.78
C ASP A 305 -1.33 1.65 -5.75
N ASP A 306 -0.31 0.89 -6.14
CA ASP A 306 1.03 1.47 -6.13
C ASP A 306 1.21 2.45 -7.29
N VAL A 307 0.49 2.25 -8.40
CA VAL A 307 0.45 3.27 -9.44
C VAL A 307 -0.25 4.53 -8.91
N TYR A 308 -1.32 4.33 -8.13
CA TYR A 308 -2.02 5.48 -7.56
C TYR A 308 -1.10 6.31 -6.68
N THR A 309 -0.27 5.65 -5.87
CA THR A 309 0.69 6.39 -5.04
C THR A 309 1.66 7.19 -5.90
N GLY A 310 2.04 6.64 -7.06
CA GLY A 310 2.92 7.38 -7.94
C GLY A 310 2.24 8.59 -8.55
N MET A 311 0.96 8.47 -8.89
CA MET A 311 0.20 9.62 -9.37
C MET A 311 0.16 10.73 -8.32
N CYS A 312 0.05 10.35 -7.05
CA CYS A 312 0.02 11.33 -5.97
C CYS A 312 1.40 11.96 -5.78
N LEU A 313 2.46 11.15 -5.90
CA LEU A 313 3.81 11.71 -5.83
C LEU A 313 4.08 12.68 -6.96
N GLN A 314 3.66 12.32 -8.18
CA GLN A 314 3.82 13.21 -9.33
C GLN A 314 3.11 14.53 -9.10
N LYS A 315 1.90 14.49 -8.55
CA LYS A 315 1.15 15.72 -8.30
C LYS A 315 1.80 16.59 -7.24
N LEU A 316 2.62 16.01 -6.36
CA LEU A 316 3.40 16.80 -5.41
C LEU A 316 4.68 17.37 -6.02
N GLY A 317 4.98 17.02 -7.26
CA GLY A 317 6.27 17.39 -7.83
C GLY A 317 7.41 16.56 -7.28
N LEU A 318 7.21 15.26 -7.13
CA LEU A 318 8.20 14.37 -6.56
C LEU A 318 8.31 13.11 -7.42
N VAL A 319 9.51 12.53 -7.43
CA VAL A 319 9.80 11.30 -8.17
C VAL A 319 10.27 10.26 -7.17
N PRO A 320 9.69 9.06 -7.14
CA PRO A 320 10.16 8.03 -6.22
C PRO A 320 11.59 7.61 -6.56
N GLU A 321 12.37 7.31 -5.53
CA GLU A 321 13.80 7.07 -5.67
C GLU A 321 14.08 5.57 -5.66
N LYS A 322 14.59 5.08 -6.80
CA LYS A 322 15.02 3.69 -6.91
C LYS A 322 16.09 3.38 -5.87
N HIS A 323 15.98 2.22 -5.23
CA HIS A 323 17.00 1.70 -4.33
C HIS A 323 17.19 0.21 -4.61
N LYS A 324 18.45 -0.20 -4.81
CA LYS A 324 18.75 -1.57 -5.22
C LYS A 324 18.38 -2.61 -4.17
N GLY A 325 18.19 -2.21 -2.92
CA GLY A 325 17.87 -3.16 -1.87
C GLY A 325 16.47 -3.71 -1.92
N PHE A 326 15.60 -3.16 -2.76
CA PHE A 326 14.20 -3.57 -2.83
C PHE A 326 14.04 -4.57 -3.98
N ARG A 327 13.95 -5.86 -3.62
CA ARG A 327 13.85 -6.92 -4.62
C ARG A 327 12.42 -7.43 -4.65
N THR A 328 11.55 -6.66 -5.30
CA THR A 328 10.16 -7.06 -5.49
C THR A 328 10.00 -8.23 -6.46
N PHE A 329 11.09 -8.71 -7.05
CA PHE A 329 11.08 -9.86 -7.95
C PHE A 329 12.07 -10.90 -7.48
N ASP A 330 12.18 -11.07 -6.16
CA ASP A 330 13.04 -12.06 -5.53
C ASP A 330 14.51 -11.82 -5.85
N ILE A 331 15.34 -12.83 -5.62
CA ILE A 331 16.75 -12.78 -6.00
C ILE A 331 17.07 -14.01 -6.83
N GLU A 332 18.35 -14.30 -7.02
CA GLU A 332 18.77 -15.45 -7.81
C GLU A 332 18.72 -16.70 -6.93
N GLU A 333 18.16 -17.78 -7.48
CA GLU A 333 17.86 -18.98 -6.69
C GLU A 333 19.09 -19.53 -5.98
N LYS A 334 20.27 -19.37 -6.58
CA LYS A 334 21.49 -19.84 -5.93
C LYS A 334 21.79 -19.05 -4.66
N ASN A 335 21.36 -17.79 -4.58
CA ASN A 335 21.58 -16.97 -3.41
C ASN A 335 20.47 -17.08 -2.37
N LYS A 336 19.39 -17.81 -2.68
CA LYS A 336 18.30 -17.91 -1.72
C LYS A 336 18.70 -18.75 -0.50
N ASN A 337 19.67 -19.64 -0.66
N ASN A 337 19.68 -19.62 -0.65
CA ASN A 337 20.15 -20.43 0.47
CA ASN A 337 20.13 -20.42 0.49
C ASN A 337 20.92 -19.56 1.46
C ASN A 337 20.94 -19.58 1.47
N ASN A 338 21.74 -18.64 0.95
CA ASN A 338 22.71 -17.93 1.77
C ASN A 338 22.04 -16.81 2.57
N ILE A 339 22.14 -16.90 3.89
CA ILE A 339 21.66 -15.83 4.77
C ILE A 339 22.46 -14.56 4.59
N CYS A 340 23.71 -14.66 4.13
CA CYS A 340 24.50 -13.47 3.82
C CYS A 340 23.96 -12.72 2.62
N SER A 341 23.10 -13.36 1.82
CA SER A 341 22.50 -12.64 0.70
C SER A 341 21.38 -11.70 1.17
N TYR A 342 20.86 -11.91 2.36
CA TYR A 342 19.76 -11.08 2.88
C TYR A 342 20.22 -9.94 3.77
N VAL A 343 21.54 -9.79 4.02
CA VAL A 343 21.99 -8.79 4.99
C VAL A 343 21.94 -7.39 4.39
N ASP A 344 22.29 -7.26 3.11
CA ASP A 344 22.27 -5.97 2.46
C ASP A 344 21.00 -5.71 1.66
N LEU A 345 19.99 -6.55 1.82
CA LEU A 345 18.72 -6.35 1.13
C LEU A 345 17.77 -5.53 2.01
N MET A 346 16.82 -4.87 1.35
CA MET A 346 15.75 -4.16 2.06
C MET A 346 14.50 -5.01 2.18
N LEU A 347 14.04 -5.61 1.08
CA LEU A 347 12.95 -6.58 1.15
C LEU A 347 13.05 -7.52 -0.03
N VAL A 348 12.47 -8.71 0.15
CA VAL A 348 12.40 -9.73 -0.90
C VAL A 348 10.96 -10.17 -1.04
N HIS A 349 10.50 -10.25 -2.28
CA HIS A 349 9.18 -10.77 -2.59
C HIS A 349 9.33 -11.94 -3.55
N SER A 350 8.70 -13.07 -3.24
CA SER A 350 7.81 -13.21 -2.09
C SER A 350 8.27 -14.32 -1.15
N ARG A 351 7.69 -14.37 0.04
CA ARG A 351 8.10 -15.32 1.07
C ARG A 351 6.88 -15.87 1.80
N LYS A 352 6.88 -17.18 2.02
CA LYS A 352 5.85 -17.85 2.80
C LYS A 352 6.10 -17.62 4.29
N PRO A 353 5.07 -17.80 5.13
CA PRO A 353 5.24 -17.51 6.57
C PRO A 353 6.43 -18.20 7.21
N GLN A 354 6.61 -19.51 6.98
CA GLN A 354 7.74 -20.19 7.59
C GLN A 354 9.06 -19.79 6.95
N GLU A 355 9.04 -19.25 5.74
CA GLU A 355 10.26 -18.71 5.15
C GLU A 355 10.67 -17.41 5.84
N MET A 356 9.71 -16.53 6.13
CA MET A 356 10.01 -15.31 6.85
C MET A 356 10.65 -15.60 8.20
N ILE A 357 10.11 -16.59 8.92
CA ILE A 357 10.62 -16.90 10.26
C ILE A 357 12.01 -17.53 10.16
N ASP A 358 12.21 -18.42 9.19
CA ASP A 358 13.52 -19.06 9.04
C ASP A 358 14.61 -18.05 8.70
N ILE A 359 14.30 -17.09 7.83
CA ILE A 359 15.29 -16.10 7.44
C ILE A 359 15.60 -15.16 8.61
N TRP A 360 14.56 -14.64 9.26
CA TRP A 360 14.77 -13.76 10.41
C TRP A 360 15.54 -14.48 11.51
N SER A 361 15.24 -15.76 11.72
CA SER A 361 15.99 -16.55 12.71
C SER A 361 17.47 -16.60 12.35
N GLN A 362 17.78 -16.99 11.12
CA GLN A 362 19.18 -17.05 10.70
C GLN A 362 19.83 -15.68 10.65
N LEU A 363 19.06 -14.65 10.29
CA LEU A 363 19.62 -13.32 10.12
C LEU A 363 20.17 -12.74 11.42
N GLN A 364 19.72 -13.25 12.57
CA GLN A 364 20.19 -12.70 13.84
C GLN A 364 21.65 -13.07 14.10
N SER A 365 22.10 -14.22 13.61
CA SER A 365 23.49 -14.66 13.77
C SER A 365 24.32 -14.40 12.52
N ALA A 366 23.83 -13.57 11.60
CA ALA A 366 24.51 -13.39 10.32
C ALA A 366 25.80 -12.58 10.48
N HIS A 367 25.87 -11.70 11.49
CA HIS A 367 27.09 -10.92 11.66
C HIS A 367 28.25 -11.76 12.19
N LEU A 368 27.97 -12.96 12.71
CA LEU A 368 29.00 -13.88 13.16
C LEU A 368 29.48 -14.81 12.06
N LYS A 369 28.96 -14.67 10.82
CA LYS A 369 29.37 -15.57 9.75
C LYS A 369 29.22 -14.97 8.35
N CYS A 370 29.22 -13.65 8.22
CA CYS A 370 29.18 -13.02 6.90
C CYS A 370 30.24 -11.92 6.80
#